data_9UJR
#
_entry.id   9UJR
#
_cell.length_a   77.770
_cell.length_b   98.980
_cell.length_c   80.110
_cell.angle_alpha   90.00
_cell.angle_beta   90.00
_cell.angle_gamma   90.00
#
_symmetry.space_group_name_H-M   'C 2 2 21'
#
loop_
_entity.id
_entity.type
_entity.pdbx_description
1 polymer ACE-MET-ARG-THR-NH2
2 polymer 'WD repeat-containing protein 5'
3 water water
#
loop_
_entity_poly.entity_id
_entity_poly.type
_entity_poly.pdbx_seq_one_letter_code
_entity_poly.pdbx_strand_id
1 'polypeptide(L)' (ACE)MRT(NH2) B
2 'polypeptide(L)'
;SATQSKPTPVKPNYALKFTLAGHTKAVSSVKFSPNGEWLASSSADKLIKIWGAYDGKFEKTISGHKLGISDVAWSSDSNL
LVSASDDKTLKIWDVSSGKCLKTLKGHSNYVFCCNFNPQSNLIVSGSFDESVRIWDVKTGKCLKTLPAHSDPVSAVHFNR
DGSLIVSSSYDGLCRIWDTASGQCLKTLIDDDNPPVSFVKFSPNGKYILAATLDNTLKLWDYSKGKCLKTYTGHKNEKYC
IFANFSVTGGKWIVSGSEDNLVYIWNLQTKEIVQKLQGHTDVVISTACHPTENIIASAALENDKTIKLWKSDC
;
A
#
loop_
_chem_comp.id
_chem_comp.type
_chem_comp.name
_chem_comp.formula
ACE non-polymer 'ACETYL GROUP' 'C2 H4 O'
NH2 non-polymer 'AMINO GROUP' 'H2 N'
#
# COMPACT_ATOMS: atom_id res chain seq x y z
C ACE A 1 6.39 11.99 0.27
O ACE A 1 6.00 12.29 1.35
CH3 ACE A 1 7.68 11.22 0.10
N MET A 2 5.75 12.25 -0.83
CA MET A 2 4.52 12.99 -0.90
C MET A 2 3.36 12.41 -0.04
N ARG A 3 3.36 11.10 0.17
CA ARG A 3 2.34 10.48 1.01
C ARG A 3 2.40 11.01 2.43
N THR A 4 3.59 11.30 2.90
CA THR A 4 3.79 11.79 4.25
C THR A 4 3.30 13.31 4.38
N NH2 A 5 2.93 13.97 3.29
N VAL B 10 -16.89 -12.42 17.94
CA VAL B 10 -15.45 -12.49 18.08
C VAL B 10 -14.75 -11.18 17.75
N LYS B 11 -13.70 -10.89 18.51
CA LYS B 11 -12.94 -9.69 18.32
C LYS B 11 -11.48 -10.08 18.43
N PRO B 12 -10.60 -9.31 17.82
CA PRO B 12 -9.22 -9.70 18.02
C PRO B 12 -8.60 -9.12 19.31
N ASN B 13 -7.41 -9.56 19.67
CA ASN B 13 -6.75 -9.04 20.84
C ASN B 13 -5.34 -8.63 20.47
N TYR B 14 -5.24 -7.63 19.63
CA TYR B 14 -3.96 -7.11 19.26
C TYR B 14 -3.32 -6.31 20.38
N ALA B 15 -2.11 -6.70 20.75
CA ALA B 15 -1.35 -6.06 21.80
C ALA B 15 -0.03 -5.58 21.21
N LEU B 16 0.48 -4.46 21.73
CA LEU B 16 1.75 -3.96 21.25
C LEU B 16 2.88 -4.86 21.74
N LYS B 17 3.77 -5.21 20.84
CA LYS B 17 4.93 -5.97 21.18
C LYS B 17 6.22 -5.16 20.95
N PHE B 18 6.38 -4.46 19.81
CA PHE B 18 7.63 -3.79 19.50
C PHE B 18 7.36 -2.42 18.92
N THR B 19 8.25 -1.48 19.22
CA THR B 19 8.26 -0.18 18.56
C THR B 19 9.61 -0.01 17.87
N LEU B 20 9.57 0.19 16.56
CA LEU B 20 10.78 0.25 15.77
C LEU B 20 11.12 1.66 15.30
N ALA B 21 12.25 2.18 15.75
CA ALA B 21 12.67 3.50 15.33
C ALA B 21 13.92 3.43 14.46
N GLY B 22 14.24 4.54 13.79
CA GLY B 22 15.42 4.57 12.96
C GLY B 22 15.25 5.44 11.73
N HIS B 23 14.01 5.70 11.34
CA HIS B 23 13.74 6.49 10.15
C HIS B 23 13.84 7.87 10.77
N THR B 24 14.46 8.79 10.04
CA THR B 24 14.65 10.15 10.54
C THR B 24 13.56 11.11 10.08
N LYS B 25 12.60 10.61 9.32
CA LYS B 25 11.47 11.41 8.91
C LYS B 25 10.23 10.53 8.87
N ALA B 26 9.08 11.13 8.62
CA ALA B 26 7.82 10.41 8.51
C ALA B 26 8.01 9.11 7.74
N VAL B 27 7.44 8.04 8.26
CA VAL B 27 7.38 6.80 7.50
C VAL B 27 6.25 6.94 6.48
N SER B 28 6.43 6.32 5.31
CA SER B 28 5.39 6.33 4.28
C SER B 28 4.67 5.00 4.12
N SER B 29 5.36 3.88 4.32
CA SER B 29 4.77 2.60 3.94
C SER B 29 5.50 1.47 4.67
N VAL B 30 4.73 0.47 5.12
CA VAL B 30 5.30 -0.78 5.65
C VAL B 30 4.63 -1.97 4.96
N LYS B 31 5.42 -2.99 4.68
CA LYS B 31 4.94 -4.16 4.00
C LYS B 31 5.69 -5.40 4.43
N PHE B 32 4.98 -6.45 4.76
CA PHE B 32 5.58 -7.74 5.08
C PHE B 32 6.00 -8.47 3.79
N SER B 33 7.20 -9.03 3.81
CA SER B 33 7.58 -9.94 2.73
C SER B 33 6.61 -11.13 2.66
N PRO B 34 6.36 -11.65 1.47
CA PRO B 34 5.39 -12.76 1.35
C PRO B 34 5.81 -14.02 2.08
N ASN B 35 7.09 -14.23 2.34
CA ASN B 35 7.56 -15.38 3.07
C ASN B 35 7.46 -15.23 4.59
N GLY B 36 6.91 -14.12 5.06
CA GLY B 36 6.75 -13.90 6.48
C GLY B 36 7.99 -13.56 7.27
N GLU B 37 9.13 -13.49 6.61
CA GLU B 37 10.36 -13.26 7.36
C GLU B 37 10.55 -11.80 7.73
N TRP B 38 10.16 -10.86 6.86
CA TRP B 38 10.70 -9.51 6.91
C TRP B 38 9.60 -8.46 6.87
N LEU B 39 9.97 -7.26 7.34
CA LEU B 39 9.18 -6.06 7.18
C LEU B 39 10.03 -4.98 6.50
N ALA B 40 9.56 -4.49 5.36
CA ALA B 40 10.19 -3.35 4.69
C ALA B 40 9.42 -2.08 5.04
N SER B 41 10.16 -1.00 5.29
CA SER B 41 9.59 0.33 5.45
C SER B 41 10.27 1.30 4.50
N SER B 42 9.52 2.28 4.05
CA SER B 42 10.03 3.38 3.26
C SER B 42 9.64 4.67 3.97
N SER B 43 10.30 5.77 3.62
CA SER B 43 10.08 6.98 4.41
C SER B 43 10.44 8.22 3.60
N ALA B 44 9.91 9.35 4.08
CA ALA B 44 10.29 10.67 3.56
C ALA B 44 11.79 10.95 3.70
N ASP B 45 12.52 10.11 4.43
CA ASP B 45 13.96 10.27 4.62
C ASP B 45 14.76 9.68 3.48
N LYS B 46 14.07 9.30 2.41
CA LYS B 46 14.70 8.70 1.23
C LYS B 46 15.27 7.29 1.44
N LEU B 47 14.97 6.66 2.55
CA LEU B 47 15.55 5.35 2.84
C LEU B 47 14.50 4.25 2.94
N ILE B 48 14.90 3.05 2.55
CA ILE B 48 14.18 1.82 2.84
C ILE B 48 14.86 1.12 4.01
N LYS B 49 14.06 0.56 4.91
CA LYS B 49 14.59 -0.21 6.01
C LYS B 49 13.99 -1.61 6.11
N ILE B 50 14.80 -2.60 6.43
CA ILE B 50 14.35 -3.98 6.60
C ILE B 50 14.42 -4.33 8.08
N TRP B 51 13.40 -5.04 8.56
CA TRP B 51 13.31 -5.46 9.96
C TRP B 51 12.83 -6.90 10.02
N GLY B 52 13.14 -7.58 11.12
CA GLY B 52 12.61 -8.91 11.35
C GLY B 52 11.12 -8.78 11.63
N ALA B 53 10.31 -9.52 10.89
CA ALA B 53 8.87 -9.42 11.04
C ALA B 53 8.33 -9.87 12.39
N TYR B 54 9.06 -10.72 13.06
CA TYR B 54 8.61 -11.25 14.32
C TYR B 54 9.24 -10.59 15.56
N ASP B 55 10.49 -10.14 15.48
CA ASP B 55 11.19 -9.50 16.60
C ASP B 55 11.35 -8.00 16.41
N GLY B 56 11.10 -7.54 15.20
CA GLY B 56 11.29 -6.14 14.90
C GLY B 56 12.72 -5.71 14.92
N LYS B 57 13.63 -6.66 14.77
CA LYS B 57 15.04 -6.34 14.83
C LYS B 57 15.54 -5.80 13.54
N PHE B 58 16.22 -4.66 13.61
CA PHE B 58 16.77 -4.04 12.43
C PHE B 58 17.67 -4.97 11.66
N GLU B 59 17.50 -4.94 10.38
CA GLU B 59 18.29 -5.77 9.55
C GLU B 59 19.24 -4.94 8.70
N LYS B 60 18.73 -3.96 7.97
CA LYS B 60 19.55 -3.16 7.10
C LYS B 60 18.90 -1.89 6.53
N THR B 61 19.71 -1.01 5.96
CA THR B 61 19.16 0.17 5.30
C THR B 61 19.49 0.12 3.82
N ILE B 62 18.51 0.47 3.01
CA ILE B 62 18.63 0.49 1.56
C ILE B 62 18.43 1.93 1.10
N SER B 63 19.42 2.47 0.38
CA SER B 63 19.40 3.88 0.03
C SER B 63 19.80 4.04 -1.44
N GLY B 64 19.59 5.24 -1.95
CA GLY B 64 19.79 5.49 -3.37
C GLY B 64 18.83 6.51 -3.95
N HIS B 65 17.57 6.48 -3.52
CA HIS B 65 16.62 7.48 -3.99
C HIS B 65 17.10 8.87 -3.59
N LYS B 66 16.94 9.84 -4.47
CA LYS B 66 17.41 11.18 -4.22
C LYS B 66 16.41 12.03 -3.48
N LEU B 67 15.17 11.58 -3.41
CA LEU B 67 14.15 12.27 -2.69
C LEU B 67 13.33 11.28 -1.90
N GLY B 68 12.33 11.76 -1.22
CA GLY B 68 11.48 10.91 -0.40
C GLY B 68 10.75 9.78 -1.09
N ILE B 69 10.50 8.72 -0.39
CA ILE B 69 9.82 7.55 -0.94
C ILE B 69 8.41 7.52 -0.37
N SER B 70 7.42 7.24 -1.24
CA SER B 70 6.04 7.11 -0.80
C SER B 70 5.57 5.67 -0.68
N ASP B 71 6.30 4.71 -1.24
CA ASP B 71 5.76 3.35 -1.29
C ASP B 71 6.88 2.36 -1.56
N VAL B 72 6.70 1.15 -1.04
CA VAL B 72 7.62 0.05 -1.31
C VAL B 72 6.80 -1.24 -1.36
N ALA B 73 7.29 -2.23 -2.10
CA ALA B 73 6.55 -3.48 -2.32
C ALA B 73 7.49 -4.63 -2.63
N TRP B 74 7.15 -5.80 -2.14
CA TRP B 74 7.94 -7.02 -2.30
C TRP B 74 7.61 -7.75 -3.61
N SER B 75 8.62 -8.41 -4.18
CA SER B 75 8.34 -9.44 -5.18
C SER B 75 7.78 -10.70 -4.49
N SER B 76 7.17 -11.58 -5.28
CA SER B 76 6.49 -12.74 -4.71
C SER B 76 7.45 -13.66 -3.97
N ASP B 77 8.69 -13.77 -4.43
CA ASP B 77 9.68 -14.64 -3.81
C ASP B 77 10.43 -13.96 -2.66
N SER B 78 10.00 -12.76 -2.25
CA SER B 78 10.59 -11.95 -1.18
C SER B 78 12.04 -11.55 -1.42
N ASN B 79 12.55 -11.72 -2.63
CA ASN B 79 13.92 -11.37 -2.91
C ASN B 79 14.11 -9.93 -3.42
N LEU B 80 13.04 -9.29 -3.86
CA LEU B 80 13.14 -7.98 -4.49
C LEU B 80 12.17 -6.99 -3.85
N LEU B 81 12.50 -5.71 -4.04
CA LEU B 81 11.68 -4.59 -3.59
C LEU B 81 11.57 -3.56 -4.72
N VAL B 82 10.41 -2.92 -4.84
CA VAL B 82 10.29 -1.76 -5.70
C VAL B 82 9.87 -0.59 -4.82
N SER B 83 10.39 0.59 -5.11
CA SER B 83 10.05 1.77 -4.35
C SER B 83 9.63 2.88 -5.30
N ALA B 84 8.72 3.73 -4.82
CA ALA B 84 8.19 4.85 -5.59
C ALA B 84 8.56 6.13 -4.85
N SER B 85 9.23 7.06 -5.56
CA SER B 85 9.89 8.18 -4.89
C SER B 85 9.55 9.51 -5.56
N ASP B 86 9.65 10.58 -4.77
CA ASP B 86 9.46 11.94 -5.30
C ASP B 86 10.48 12.28 -6.36
N ASP B 87 11.60 11.54 -6.44
CA ASP B 87 12.57 11.82 -7.49
C ASP B 87 12.09 11.45 -8.89
N LYS B 88 10.86 10.96 -8.97
CA LYS B 88 10.19 10.62 -10.23
C LYS B 88 10.67 9.29 -10.77
N THR B 89 11.27 8.51 -9.91
CA THR B 89 11.77 7.21 -10.29
C THR B 89 11.25 6.11 -9.43
N LEU B 90 11.37 4.90 -9.92
CA LEU B 90 11.08 3.76 -9.13
C LEU B 90 12.41 3.01 -9.15
N LYS B 91 12.68 2.27 -8.08
CA LYS B 91 13.88 1.47 -8.05
C LYS B 91 13.66 -0.01 -7.69
N ILE B 92 14.36 -0.89 -8.39
CA ILE B 92 14.28 -2.30 -8.10
C ILE B 92 15.50 -2.71 -7.30
N TRP B 93 15.25 -3.24 -6.13
CA TRP B 93 16.31 -3.58 -5.19
C TRP B 93 16.39 -5.09 -5.07
N ASP B 94 17.61 -5.61 -5.00
CA ASP B 94 17.83 -6.98 -4.55
C ASP B 94 18.11 -6.91 -3.06
N VAL B 95 17.22 -7.49 -2.25
CA VAL B 95 17.25 -7.20 -0.82
C VAL B 95 18.51 -7.77 -0.16
N SER B 96 18.94 -8.94 -0.55
CA SER B 96 20.12 -9.57 0.06
C SER B 96 21.44 -8.85 -0.16
N SER B 97 21.67 -8.33 -1.36
CA SER B 97 22.87 -7.59 -1.70
C SER B 97 22.70 -6.14 -1.41
N GLY B 98 21.46 -5.71 -1.35
CA GLY B 98 21.17 -4.32 -1.17
C GLY B 98 21.35 -3.51 -2.42
N LYS B 99 21.53 -4.17 -3.53
CA LYS B 99 21.81 -3.45 -4.75
C LYS B 99 20.63 -2.91 -5.52
N CYS B 100 20.79 -1.72 -6.10
CA CYS B 100 19.77 -1.21 -6.99
C CYS B 100 20.03 -1.86 -8.33
N LEU B 101 19.11 -2.69 -8.77
CA LEU B 101 19.24 -3.40 -10.04
C LEU B 101 18.77 -2.55 -11.22
N LYS B 102 17.71 -1.79 -11.04
CA LYS B 102 17.17 -0.96 -12.08
C LYS B 102 16.57 0.29 -11.52
N THR B 103 16.76 1.41 -12.19
CA THR B 103 16.09 2.64 -11.80
C THR B 103 15.12 2.92 -12.93
N LEU B 104 13.85 2.83 -12.66
CA LEU B 104 12.83 3.00 -13.66
C LEU B 104 12.46 4.44 -13.86
N LYS B 105 12.76 4.98 -15.04
CA LYS B 105 12.44 6.37 -15.32
C LYS B 105 11.45 6.51 -16.46
N GLY B 106 10.68 7.60 -16.44
CA GLY B 106 9.69 7.82 -17.47
C GLY B 106 8.47 8.53 -16.92
N HIS B 107 8.38 8.63 -15.59
CA HIS B 107 7.24 9.24 -14.98
C HIS B 107 7.65 10.71 -15.08
N SER B 108 6.67 11.57 -15.22
CA SER B 108 6.88 12.99 -15.37
C SER B 108 6.78 13.70 -14.07
N ASN B 109 6.31 13.01 -13.05
CA ASN B 109 6.14 13.59 -11.74
C ASN B 109 6.33 12.55 -10.69
N TYR B 110 6.11 12.92 -9.46
CA TYR B 110 6.29 12.02 -8.34
C TYR B 110 5.64 10.64 -8.44
N VAL B 111 6.41 9.63 -8.14
CA VAL B 111 5.86 8.28 -8.09
C VAL B 111 5.34 8.11 -6.69
N PHE B 112 4.11 7.66 -6.57
CA PHE B 112 3.40 7.61 -5.30
C PHE B 112 3.13 6.19 -4.81
N CYS B 113 2.95 5.28 -5.75
CA CYS B 113 2.55 3.94 -5.44
C CYS B 113 3.17 2.90 -6.36
N CYS B 114 3.32 1.67 -5.88
CA CYS B 114 3.98 0.62 -6.63
C CYS B 114 3.61 -0.82 -6.21
N ASN B 115 3.66 -1.74 -7.14
CA ASN B 115 3.41 -3.11 -6.83
C ASN B 115 3.92 -4.01 -7.90
N PHE B 116 4.41 -5.15 -7.49
CA PHE B 116 4.79 -6.15 -8.43
C PHE B 116 3.55 -6.94 -8.72
N ASN B 117 3.52 -7.62 -9.83
CA ASN B 117 2.44 -8.54 -10.13
C ASN B 117 2.81 -9.92 -9.51
N PRO B 118 1.86 -10.85 -9.45
CA PRO B 118 2.19 -12.15 -8.85
C PRO B 118 3.33 -12.90 -9.52
N GLN B 119 3.47 -12.88 -10.84
CA GLN B 119 4.66 -13.50 -11.42
C GLN B 119 5.93 -12.70 -11.18
N SER B 120 5.79 -11.46 -10.70
CA SER B 120 6.93 -10.59 -10.35
C SER B 120 7.84 -10.31 -11.55
N ASN B 121 7.28 -10.33 -12.75
CA ASN B 121 7.98 -9.95 -13.94
C ASN B 121 7.50 -8.58 -14.37
N LEU B 122 6.48 -8.07 -13.72
CA LEU B 122 5.96 -6.75 -14.02
C LEU B 122 5.86 -5.90 -12.75
N ILE B 123 6.11 -4.62 -12.91
CA ILE B 123 5.80 -3.62 -11.89
C ILE B 123 4.77 -2.66 -12.45
N VAL B 124 3.77 -2.33 -11.64
CA VAL B 124 2.86 -1.24 -11.95
C VAL B 124 3.15 -0.09 -11.01
N SER B 125 3.07 1.14 -11.53
CA SER B 125 3.33 2.35 -10.77
C SER B 125 2.25 3.39 -11.03
N GLY B 126 2.04 4.27 -10.05
CA GLY B 126 1.16 5.41 -10.21
C GLY B 126 1.85 6.68 -9.76
N SER B 127 1.47 7.79 -10.37
CA SER B 127 2.22 9.02 -10.22
C SER B 127 1.30 10.22 -10.18
N PHE B 128 1.83 11.31 -9.61
CA PHE B 128 1.23 12.62 -9.73
C PHE B 128 1.09 13.06 -11.17
N ASP B 129 1.78 12.38 -12.11
CA ASP B 129 1.60 12.73 -13.52
C ASP B 129 0.35 12.09 -14.09
N GLU B 130 -0.51 11.53 -13.23
CA GLU B 130 -1.85 11.05 -13.56
C GLU B 130 -1.81 9.81 -14.44
N SER B 131 -0.64 9.25 -14.59
CA SER B 131 -0.50 8.05 -15.35
C SER B 131 -0.34 6.80 -14.53
N VAL B 132 -0.65 5.66 -15.11
CA VAL B 132 -0.36 4.40 -14.47
C VAL B 132 0.61 3.71 -15.42
N ARG B 133 1.74 3.27 -14.91
CA ARG B 133 2.73 2.64 -15.77
C ARG B 133 3.04 1.17 -15.49
N ILE B 134 3.27 0.42 -16.54
CA ILE B 134 3.65 -0.98 -16.41
C ILE B 134 5.07 -1.16 -16.89
N TRP B 135 5.90 -1.70 -16.02
CA TRP B 135 7.30 -1.85 -16.29
C TRP B 135 7.77 -3.30 -16.30
N ASP B 136 8.78 -3.61 -17.10
CA ASP B 136 9.35 -4.95 -17.17
C ASP B 136 10.43 -5.10 -16.10
N VAL B 137 10.27 -6.08 -15.22
CA VAL B 137 11.21 -6.23 -14.10
C VAL B 137 12.63 -6.54 -14.60
N LYS B 138 12.78 -7.39 -15.58
CA LYS B 138 14.09 -7.78 -16.07
C LYS B 138 14.90 -6.67 -16.68
N THR B 139 14.31 -5.93 -17.59
CA THR B 139 15.02 -4.91 -18.31
C THR B 139 14.84 -3.53 -17.72
N GLY B 140 13.85 -3.34 -16.87
CA GLY B 140 13.62 -2.05 -16.25
C GLY B 140 13.00 -1.01 -17.15
N LYS B 141 12.33 -1.45 -18.19
CA LYS B 141 11.78 -0.51 -19.15
C LYS B 141 10.28 -0.33 -19.03
N CYS B 142 9.81 0.89 -19.29
CA CYS B 142 8.38 1.15 -19.28
C CYS B 142 7.78 0.44 -20.47
N LEU B 143 6.87 -0.46 -20.20
CA LEU B 143 6.21 -1.22 -21.26
C LEU B 143 4.95 -0.55 -21.78
N LYS B 144 4.22 0.07 -20.86
CA LYS B 144 3.01 0.75 -21.20
C LYS B 144 2.73 1.95 -20.29
N THR B 145 2.36 3.08 -20.86
CA THR B 145 1.89 4.24 -20.12
C THR B 145 0.39 4.38 -20.31
N LEU B 146 -0.36 4.27 -19.21
CA LEU B 146 -1.82 4.39 -19.30
C LEU B 146 -2.22 5.80 -18.90
N PRO B 147 -2.95 6.53 -19.74
CA PRO B 147 -3.49 7.85 -19.31
C PRO B 147 -4.70 7.62 -18.40
N ALA B 148 -4.38 7.21 -17.17
CA ALA B 148 -5.34 6.55 -16.30
C ALA B 148 -6.37 7.49 -15.69
N HIS B 149 -5.95 8.70 -15.31
CA HIS B 149 -6.78 9.54 -14.48
C HIS B 149 -6.54 10.99 -14.86
N SER B 150 -7.29 11.88 -14.19
CA SER B 150 -7.20 13.31 -14.42
C SER B 150 -6.64 13.98 -13.18
N ASP B 151 -5.97 13.21 -12.34
CA ASP B 151 -5.40 13.72 -11.10
C ASP B 151 -4.42 12.70 -10.58
N PRO B 152 -3.68 13.04 -9.52
CA PRO B 152 -2.66 12.09 -9.05
C PRO B 152 -3.24 10.71 -8.76
N VAL B 153 -2.49 9.68 -9.19
CA VAL B 153 -2.86 8.29 -8.92
C VAL B 153 -2.37 7.88 -7.54
N SER B 154 -3.30 7.48 -6.66
CA SER B 154 -2.94 7.22 -5.28
C SER B 154 -2.52 5.78 -5.00
N ALA B 155 -3.00 4.80 -5.78
CA ALA B 155 -2.66 3.40 -5.56
C ALA B 155 -2.82 2.61 -6.84
N VAL B 156 -2.05 1.52 -6.95
CA VAL B 156 -2.11 0.59 -8.08
C VAL B 156 -1.91 -0.82 -7.53
N HIS B 157 -2.69 -1.77 -8.06
CA HIS B 157 -2.59 -3.12 -7.53
C HIS B 157 -2.99 -4.11 -8.62
N PHE B 158 -2.34 -5.25 -8.60
CA PHE B 158 -2.62 -6.31 -9.52
C PHE B 158 -3.54 -7.26 -8.81
N ASN B 159 -4.37 -7.94 -9.55
CA ASN B 159 -5.26 -8.93 -8.99
C ASN B 159 -4.53 -10.29 -8.78
N ARG B 160 -5.23 -11.35 -8.44
CA ARG B 160 -4.58 -12.63 -8.06
C ARG B 160 -3.69 -13.28 -9.10
N ASP B 161 -4.04 -13.13 -10.35
CA ASP B 161 -3.27 -13.71 -11.44
C ASP B 161 -2.52 -12.68 -12.29
N GLY B 162 -2.72 -11.39 -12.03
CA GLY B 162 -2.01 -10.38 -12.78
C GLY B 162 -2.71 -9.89 -14.04
N SER B 163 -3.86 -10.45 -14.37
CA SER B 163 -4.53 -10.05 -15.60
C SER B 163 -5.13 -8.66 -15.48
N LEU B 164 -5.47 -8.24 -14.27
CA LEU B 164 -6.11 -6.96 -14.04
C LEU B 164 -5.23 -6.07 -13.18
N ILE B 165 -5.34 -4.76 -13.41
CA ILE B 165 -4.79 -3.74 -12.54
C ILE B 165 -5.95 -2.88 -12.04
N VAL B 166 -5.92 -2.53 -10.76
CA VAL B 166 -6.84 -1.55 -10.19
C VAL B 166 -6.04 -0.30 -9.82
N SER B 167 -6.56 0.87 -10.19
CA SER B 167 -5.94 2.14 -9.86
C SER B 167 -6.96 3.04 -9.16
N SER B 168 -6.46 3.98 -8.37
CA SER B 168 -7.31 4.96 -7.70
C SER B 168 -6.68 6.33 -7.85
N SER B 169 -7.49 7.36 -7.80
CA SER B 169 -7.01 8.70 -7.97
C SER B 169 -7.81 9.73 -7.24
N TYR B 170 -7.18 10.89 -7.08
CA TYR B 170 -7.83 12.00 -6.49
C TYR B 170 -8.92 12.56 -7.42
N ASP B 171 -9.00 12.05 -8.63
CA ASP B 171 -10.05 12.46 -9.53
C ASP B 171 -11.38 11.84 -9.17
N GLY B 172 -11.39 10.99 -8.17
CA GLY B 172 -12.60 10.34 -7.72
C GLY B 172 -12.89 8.95 -8.21
N LEU B 173 -12.05 8.47 -9.07
CA LEU B 173 -12.31 7.20 -9.67
C LEU B 173 -11.44 6.04 -9.33
N CYS B 174 -12.00 4.85 -9.45
CA CYS B 174 -11.22 3.66 -9.34
C CYS B 174 -11.39 3.08 -10.72
N ARG B 175 -10.32 2.53 -11.29
CA ARG B 175 -10.40 1.91 -12.59
C ARG B 175 -9.73 0.55 -12.69
N ILE B 176 -10.32 -0.31 -13.50
CA ILE B 176 -9.77 -1.65 -13.68
C ILE B 176 -9.21 -1.68 -15.08
N TRP B 177 -7.98 -2.17 -15.21
CA TRP B 177 -7.25 -2.19 -16.46
C TRP B 177 -6.90 -3.61 -16.85
N ASP B 178 -7.05 -3.91 -18.13
CA ASP B 178 -6.50 -5.13 -18.69
C ASP B 178 -4.98 -4.99 -18.78
N THR B 179 -4.25 -5.85 -18.06
CA THR B 179 -2.80 -5.74 -18.03
C THR B 179 -2.21 -5.92 -19.42
N ALA B 180 -2.74 -6.88 -20.19
CA ALA B 180 -2.14 -7.21 -21.48
C ALA B 180 -2.32 -6.07 -22.48
N SER B 181 -3.56 -5.62 -22.64
CA SER B 181 -3.87 -4.59 -23.63
C SER B 181 -3.77 -3.17 -23.11
N GLY B 182 -3.84 -2.97 -21.78
CA GLY B 182 -3.93 -1.61 -21.25
C GLY B 182 -5.27 -0.93 -21.45
N GLN B 183 -6.33 -1.69 -21.72
CA GLN B 183 -7.65 -1.13 -21.92
C GLN B 183 -8.32 -0.90 -20.57
N CYS B 184 -9.17 0.13 -20.47
CA CYS B 184 -9.97 0.31 -19.26
C CYS B 184 -11.17 -0.59 -19.38
N LEU B 185 -11.37 -1.42 -18.38
CA LEU B 185 -12.46 -2.35 -18.38
C LEU B 185 -13.58 -1.92 -17.48
N LYS B 186 -13.32 -0.95 -16.62
CA LYS B 186 -14.30 -0.51 -15.66
C LYS B 186 -13.93 0.75 -14.92
N THR B 187 -14.90 1.63 -14.73
CA THR B 187 -14.73 2.84 -13.93
C THR B 187 -15.74 2.81 -12.79
N LEU B 188 -15.26 2.79 -11.55
CA LEU B 188 -16.12 2.73 -10.38
C LEU B 188 -16.13 4.08 -9.66
N ILE B 189 -17.33 4.57 -9.36
CA ILE B 189 -17.51 5.75 -8.53
C ILE B 189 -18.90 5.66 -7.91
N ASP B 190 -19.02 6.11 -6.67
CA ASP B 190 -20.28 6.13 -5.96
C ASP B 190 -20.90 7.52 -6.04
N ASP B 191 -21.93 7.76 -5.24
CA ASP B 191 -22.79 8.92 -5.49
C ASP B 191 -22.17 10.22 -5.02
N ASP B 192 -21.20 10.18 -4.11
CA ASP B 192 -20.33 11.32 -3.87
C ASP B 192 -19.04 11.07 -4.63
N ASN B 193 -18.32 12.12 -4.95
CA ASN B 193 -17.10 11.94 -5.72
C ASN B 193 -15.84 12.32 -4.93
N PRO B 194 -15.71 11.79 -3.72
CA PRO B 194 -14.52 12.10 -2.95
C PRO B 194 -13.26 11.50 -3.59
N PRO B 195 -12.13 12.15 -3.39
CA PRO B 195 -10.89 11.56 -3.89
C PRO B 195 -10.69 10.13 -3.36
N VAL B 196 -10.26 9.21 -4.21
CA VAL B 196 -9.99 7.85 -3.79
C VAL B 196 -8.54 7.87 -3.40
N SER B 197 -8.26 7.57 -2.17
CA SER B 197 -6.92 7.65 -1.61
C SER B 197 -6.16 6.34 -1.57
N PHE B 198 -6.85 5.23 -1.77
CA PHE B 198 -6.25 3.89 -1.72
C PHE B 198 -7.21 2.90 -2.34
N VAL B 199 -6.65 1.81 -2.86
CA VAL B 199 -7.42 0.70 -3.44
C VAL B 199 -6.50 -0.50 -3.50
N LYS B 200 -7.11 -1.69 -3.45
CA LYS B 200 -6.42 -2.95 -3.61
C LYS B 200 -7.44 -4.08 -3.77
N PHE B 201 -7.09 -5.13 -4.49
CA PHE B 201 -7.91 -6.33 -4.62
C PHE B 201 -7.92 -7.12 -3.32
N SER B 202 -9.05 -7.76 -3.05
CA SER B 202 -9.10 -8.79 -2.01
C SER B 202 -8.19 -9.97 -2.37
N PRO B 203 -7.85 -10.79 -1.40
CA PRO B 203 -6.92 -11.87 -1.74
C PRO B 203 -7.43 -12.80 -2.80
N ASN B 204 -8.73 -12.99 -2.90
CA ASN B 204 -9.32 -13.83 -3.92
C ASN B 204 -9.62 -13.09 -5.20
N GLY B 205 -9.26 -11.83 -5.26
CA GLY B 205 -9.49 -11.03 -6.42
C GLY B 205 -10.90 -10.74 -6.80
N LYS B 206 -11.83 -10.99 -5.91
CA LYS B 206 -13.23 -10.82 -6.26
C LYS B 206 -13.66 -9.43 -5.93
N TYR B 207 -13.04 -8.87 -4.92
CA TYR B 207 -13.44 -7.55 -4.45
C TYR B 207 -12.29 -6.58 -4.58
N ILE B 208 -12.64 -5.32 -4.48
CA ILE B 208 -11.66 -4.26 -4.40
C ILE B 208 -12.03 -3.45 -3.15
N LEU B 209 -11.09 -3.24 -2.24
CA LEU B 209 -11.28 -2.40 -1.07
C LEU B 209 -10.71 -1.03 -1.41
N ALA B 210 -11.54 -0.02 -1.30
CA ALA B 210 -11.13 1.29 -1.67
C ALA B 210 -11.34 2.32 -0.56
N ALA B 211 -10.41 3.24 -0.46
CA ALA B 211 -10.50 4.26 0.56
C ALA B 211 -10.77 5.62 -0.04
N THR B 212 -11.61 6.35 0.62
CA THR B 212 -12.00 7.65 0.14
C THR B 212 -11.77 8.71 1.19
N LEU B 213 -11.44 9.91 0.75
CA LEU B 213 -11.14 11.01 1.67
C LEU B 213 -12.44 11.60 2.21
N ASP B 214 -13.25 10.77 2.81
CA ASP B 214 -14.50 11.16 3.39
C ASP B 214 -14.70 10.23 4.57
N ASN B 215 -13.60 9.75 5.15
CA ASN B 215 -13.67 8.91 6.34
C ASN B 215 -14.39 7.61 6.05
N THR B 216 -14.18 7.11 4.86
CA THR B 216 -14.89 5.93 4.45
C THR B 216 -14.06 4.91 3.71
N LEU B 217 -14.19 3.66 4.10
CA LEU B 217 -13.57 2.58 3.38
C LEU B 217 -14.72 1.79 2.77
N LYS B 218 -14.56 1.36 1.53
CA LYS B 218 -15.61 0.62 0.87
C LYS B 218 -15.18 -0.66 0.15
N LEU B 219 -15.98 -1.70 0.25
CA LEU B 219 -15.74 -2.95 -0.45
C LEU B 219 -16.61 -3.05 -1.70
N TRP B 220 -15.99 -3.21 -2.86
CA TRP B 220 -16.73 -3.30 -4.11
C TRP B 220 -16.63 -4.72 -4.66
N ASP B 221 -17.73 -5.19 -5.24
CA ASP B 221 -17.69 -6.21 -6.28
C ASP B 221 -17.51 -5.47 -7.59
N TYR B 222 -16.30 -5.42 -8.11
CA TYR B 222 -16.05 -4.61 -9.30
C TYR B 222 -16.67 -5.20 -10.55
N SER B 223 -16.78 -6.51 -10.64
CA SER B 223 -17.50 -7.11 -11.76
C SER B 223 -18.92 -6.57 -11.84
N LYS B 224 -19.62 -6.59 -10.72
CA LYS B 224 -20.98 -6.09 -10.70
C LYS B 224 -21.08 -4.58 -10.59
N GLY B 225 -19.99 -3.91 -10.26
CA GLY B 225 -20.00 -2.48 -10.07
C GLY B 225 -20.82 -2.06 -8.88
N LYS B 226 -20.86 -2.91 -7.85
CA LYS B 226 -21.67 -2.62 -6.70
C LYS B 226 -20.89 -2.55 -5.39
N CYS B 227 -21.17 -1.55 -4.56
CA CYS B 227 -20.53 -1.46 -3.25
C CYS B 227 -21.28 -2.38 -2.32
N LEU B 228 -20.56 -3.29 -1.71
CA LEU B 228 -21.17 -4.27 -0.88
C LEU B 228 -21.10 -3.85 0.54
N LYS B 229 -19.92 -3.47 1.00
CA LYS B 229 -19.74 -3.13 2.37
C LYS B 229 -19.12 -1.75 2.56
N THR B 230 -19.34 -1.20 3.73
CA THR B 230 -18.80 0.10 4.06
C THR B 230 -18.23 0.03 5.47
N TYR B 231 -17.06 0.63 5.69
CA TYR B 231 -16.41 0.61 7.00
C TYR B 231 -16.08 2.03 7.39
N THR B 232 -16.63 2.48 8.52
CA THR B 232 -16.55 3.88 8.92
C THR B 232 -16.23 3.93 10.41
N GLY B 233 -15.93 5.10 10.92
CA GLY B 233 -15.58 5.26 12.30
C GLY B 233 -14.21 5.87 12.42
N HIS B 234 -13.38 5.72 11.41
CA HIS B 234 -12.04 6.26 11.40
C HIS B 234 -12.00 7.68 10.86
N LYS B 235 -10.85 8.29 10.83
CA LYS B 235 -10.68 9.60 10.26
C LYS B 235 -9.71 9.56 9.10
N ASN B 236 -10.21 9.83 7.91
CA ASN B 236 -9.38 9.85 6.71
C ASN B 236 -9.90 10.87 5.73
N GLU B 237 -9.35 12.07 5.81
CA GLU B 237 -9.79 13.15 4.96
C GLU B 237 -8.66 13.82 4.23
N LYS B 238 -7.43 13.39 4.45
CA LYS B 238 -6.28 14.08 3.87
C LYS B 238 -5.15 13.22 3.34
N TYR B 239 -4.85 12.14 4.01
CA TYR B 239 -3.71 11.33 3.64
C TYR B 239 -4.10 10.03 2.97
N CYS B 240 -3.20 9.52 2.15
CA CYS B 240 -3.45 8.28 1.45
C CYS B 240 -3.02 7.15 2.38
N ILE B 241 -3.97 6.67 3.16
CA ILE B 241 -3.71 5.64 4.15
C ILE B 241 -3.97 4.27 3.54
N PHE B 242 -3.02 3.36 3.72
CA PHE B 242 -3.23 1.98 3.29
C PHE B 242 -4.30 1.33 4.15
N ALA B 243 -5.04 0.43 3.53
CA ALA B 243 -5.99 -0.39 4.26
C ALA B 243 -5.70 -1.83 3.87
N ASN B 244 -6.14 -2.77 4.68
CA ASN B 244 -5.85 -4.15 4.44
C ASN B 244 -6.90 -5.16 4.77
N PHE B 245 -6.74 -6.34 4.20
CA PHE B 245 -7.57 -7.44 4.55
C PHE B 245 -6.72 -8.31 5.48
N SER B 246 -7.24 -8.64 6.64
CA SER B 246 -6.58 -9.52 7.58
C SER B 246 -7.29 -10.87 7.52
N VAL B 247 -6.57 -11.92 7.14
CA VAL B 247 -7.17 -13.23 6.94
C VAL B 247 -6.54 -14.32 7.79
N THR B 248 -5.51 -14.02 8.57
CA THR B 248 -4.78 -15.10 9.25
C THR B 248 -5.57 -15.66 10.43
N GLY B 249 -6.39 -14.83 11.09
CA GLY B 249 -7.28 -15.28 12.14
C GLY B 249 -8.72 -15.00 11.77
N GLY B 250 -9.28 -13.98 12.37
CA GLY B 250 -10.59 -13.58 11.94
C GLY B 250 -10.47 -12.80 10.64
N LYS B 251 -11.58 -12.59 9.98
CA LYS B 251 -11.59 -11.82 8.77
C LYS B 251 -11.86 -10.35 9.12
N TRP B 252 -10.82 -9.54 9.07
CA TRP B 252 -10.91 -8.14 9.48
C TRP B 252 -10.56 -7.21 8.33
N ILE B 253 -10.98 -5.94 8.48
CA ILE B 253 -10.43 -4.83 7.71
C ILE B 253 -9.55 -4.02 8.66
N VAL B 254 -8.34 -3.71 8.23
CA VAL B 254 -7.37 -3.03 9.06
C VAL B 254 -6.95 -1.72 8.38
N SER B 255 -6.92 -0.63 9.14
CA SER B 255 -6.48 0.61 8.52
C SER B 255 -5.98 1.59 9.57
N GLY B 256 -4.97 2.37 9.20
CA GLY B 256 -4.58 3.51 9.98
C GLY B 256 -5.63 4.62 9.91
N SER B 257 -5.37 5.68 10.67
CA SER B 257 -6.35 6.74 10.80
C SER B 257 -5.63 8.03 11.17
N GLU B 258 -6.23 9.16 10.83
CA GLU B 258 -5.62 10.44 11.09
C GLU B 258 -5.86 10.88 12.52
N ASP B 259 -6.42 9.99 13.32
CA ASP B 259 -6.61 10.25 14.73
C ASP B 259 -5.56 9.46 15.49
N ASN B 260 -4.48 9.09 14.79
CA ASN B 260 -3.39 8.33 15.41
C ASN B 260 -3.84 6.98 15.93
N LEU B 261 -4.67 6.28 15.16
CA LEU B 261 -5.18 5.00 15.62
C LEU B 261 -5.32 3.96 14.52
N VAL B 262 -5.09 2.70 14.86
CA VAL B 262 -5.30 1.66 13.89
C VAL B 262 -6.69 1.11 14.14
N TYR B 263 -7.45 0.93 13.08
CA TYR B 263 -8.77 0.40 13.19
C TYR B 263 -8.92 -1.01 12.66
N ILE B 264 -9.71 -1.79 13.34
CA ILE B 264 -9.96 -3.16 12.94
C ILE B 264 -11.45 -3.38 12.88
N TRP B 265 -11.93 -3.77 11.72
CA TRP B 265 -13.33 -4.02 11.54
C TRP B 265 -13.61 -5.46 11.21
N ASN B 266 -14.79 -5.94 11.59
CA ASN B 266 -15.20 -7.26 11.21
C ASN B 266 -15.57 -7.07 9.77
N LEU B 267 -15.04 -7.89 8.89
CA LEU B 267 -15.26 -7.73 7.46
C LEU B 267 -16.72 -7.93 7.10
N GLN B 268 -17.39 -8.89 7.72
CA GLN B 268 -18.76 -9.20 7.33
C GLN B 268 -19.77 -8.20 7.90
N THR B 269 -19.64 -7.85 9.19
CA THR B 269 -20.67 -7.04 9.84
C THR B 269 -20.34 -5.56 9.88
N LYS B 270 -19.15 -5.21 9.40
CA LYS B 270 -18.66 -3.81 9.33
C LYS B 270 -18.48 -3.13 10.67
N GLU B 271 -18.45 -3.90 11.72
CA GLU B 271 -18.34 -3.33 13.03
C GLU B 271 -16.91 -3.17 13.50
N ILE B 272 -16.55 -2.04 14.06
CA ILE B 272 -15.24 -1.91 14.69
C ILE B 272 -15.11 -2.95 15.79
N VAL B 273 -14.04 -3.75 15.72
CA VAL B 273 -13.79 -4.78 16.72
C VAL B 273 -12.58 -4.46 17.59
N GLN B 274 -11.76 -3.50 17.19
CA GLN B 274 -10.61 -3.09 18.00
C GLN B 274 -10.04 -1.79 17.43
N LYS B 275 -9.38 -1.05 18.31
CA LYS B 275 -8.70 0.15 17.94
C LYS B 275 -7.35 0.11 18.66
N LEU B 276 -6.24 0.25 17.95
CA LEU B 276 -4.92 0.19 18.50
C LEU B 276 -4.36 1.58 18.81
N GLN B 277 -4.02 1.81 20.07
CA GLN B 277 -3.52 3.08 20.56
C GLN B 277 -2.02 2.99 20.79
N GLY B 278 -1.32 4.11 20.58
CA GLY B 278 0.12 4.12 20.75
C GLY B 278 0.83 5.15 19.91
N HIS B 279 0.35 5.38 18.70
CA HIS B 279 1.01 6.33 17.81
C HIS B 279 0.67 7.78 18.15
N THR B 280 1.59 8.68 17.85
CA THR B 280 1.47 10.09 18.21
C THR B 280 1.29 10.98 16.98
N ASP B 281 0.96 10.38 15.85
CA ASP B 281 0.68 11.10 14.61
C ASP B 281 -0.13 10.16 13.73
N VAL B 282 -0.51 10.59 12.54
CA VAL B 282 -1.33 9.80 11.66
C VAL B 282 -0.73 8.46 11.31
N VAL B 283 -1.50 7.41 11.49
CA VAL B 283 -1.04 6.10 11.13
C VAL B 283 -1.20 6.05 9.63
N ILE B 284 -0.11 6.29 8.92
CA ILE B 284 -0.22 6.40 7.46
C ILE B 284 -0.32 5.02 6.81
N SER B 285 0.19 3.98 7.46
CA SER B 285 0.32 2.70 6.80
C SER B 285 0.15 1.60 7.82
N THR B 286 -0.50 0.52 7.38
CA THR B 286 -0.61 -0.71 8.14
C THR B 286 -0.42 -1.87 7.19
N ALA B 287 0.01 -3.00 7.73
CA ALA B 287 0.27 -4.19 6.93
C ALA B 287 -0.06 -5.40 7.77
N CYS B 288 -0.55 -6.43 7.12
CA CYS B 288 -0.96 -7.63 7.80
C CYS B 288 -0.03 -8.77 7.44
N HIS B 289 0.43 -9.51 8.43
CA HIS B 289 1.35 -10.58 8.22
C HIS B 289 0.73 -11.74 7.43
N PRO B 290 1.49 -12.32 6.52
CA PRO B 290 0.97 -13.40 5.67
C PRO B 290 0.49 -14.71 6.35
N THR B 291 1.01 -15.05 7.51
CA THR B 291 0.68 -16.32 8.17
C THR B 291 0.32 -16.15 9.64
N GLU B 292 0.92 -15.18 10.31
CA GLU B 292 0.61 -14.88 11.68
C GLU B 292 -0.31 -13.70 11.88
N ASN B 293 -0.93 -13.64 13.05
CA ASN B 293 -1.77 -12.53 13.40
C ASN B 293 -0.88 -11.41 13.89
N ILE B 294 -0.18 -10.79 12.97
CA ILE B 294 0.69 -9.69 13.30
C ILE B 294 0.33 -8.48 12.42
N ILE B 295 0.13 -7.34 13.03
CA ILE B 295 -0.12 -6.09 12.30
C ILE B 295 1.08 -5.18 12.48
N ALA B 296 1.57 -4.63 11.38
CA ALA B 296 2.57 -3.58 11.46
C ALA B 296 1.90 -2.25 11.15
N SER B 297 2.35 -1.21 11.82
CA SER B 297 1.77 0.12 11.65
C SER B 297 2.89 1.15 11.70
N ALA B 298 2.79 2.18 10.88
CA ALA B 298 3.76 3.26 10.89
C ALA B 298 3.06 4.61 10.84
N ALA B 299 3.71 5.61 11.40
CA ALA B 299 3.11 6.90 11.55
C ALA B 299 3.90 8.06 10.95
N LEU B 300 3.29 9.25 10.96
CA LEU B 300 3.89 10.41 10.28
C LEU B 300 4.94 11.24 11.02
N GLU B 301 5.32 12.41 10.52
CA GLU B 301 6.44 13.21 11.07
C GLU B 301 6.63 13.37 12.57
N ASN B 302 5.57 13.54 13.32
CA ASN B 302 5.68 13.74 14.74
C ASN B 302 5.87 12.44 15.50
N ASP B 303 5.81 11.32 14.82
CA ASP B 303 6.01 10.03 15.44
C ASP B 303 7.21 9.36 14.86
N LYS B 304 7.18 9.05 13.58
CA LYS B 304 8.29 8.44 12.86
C LYS B 304 8.64 7.02 13.29
N THR B 305 7.77 6.37 14.04
CA THR B 305 8.05 4.99 14.44
C THR B 305 7.12 4.01 13.74
N ILE B 306 7.47 2.74 13.87
CA ILE B 306 6.69 1.66 13.31
C ILE B 306 6.37 0.81 14.51
N LYS B 307 5.18 0.26 14.57
CA LYS B 307 4.81 -0.60 15.66
C LYS B 307 4.36 -1.96 15.22
N LEU B 308 4.63 -2.93 16.07
CA LEU B 308 4.26 -4.28 15.77
C LEU B 308 3.29 -4.79 16.79
N TRP B 309 2.17 -5.29 16.30
CA TRP B 309 1.14 -5.77 17.16
C TRP B 309 0.80 -7.23 16.88
N LYS B 310 0.52 -7.97 17.94
CA LYS B 310 0.17 -9.38 17.79
C LYS B 310 -1.08 -9.70 18.58
N SER B 311 -1.93 -10.55 18.04
CA SER B 311 -3.15 -10.93 18.71
C SER B 311 -2.87 -12.15 19.55
#